data_3O5S
#
_entry.id   3O5S
#
_cell.length_a   103.758
_cell.length_b   103.758
_cell.length_c   102.097
_cell.angle_alpha   90.00
_cell.angle_beta   90.00
_cell.angle_gamma   90.00
#
_symmetry.space_group_name_H-M   'P 43 21 2'
#
loop_
_entity.id
_entity.type
_entity.pdbx_description
1 polymer Beta-glucanase
2 non-polymer 'CALCIUM ION'
3 non-polymer 2-[3-(2-HYDROXY-1,1-DIHYDROXYMETHYL-ETHYLAMINO)-PROPYLAMINO]-2-HYDROXYMETHYL-PROPANE-1,3-DIOL
4 water water
#
_entity_poly.entity_id   1
_entity_poly.type   'polypeptide(L)'
_entity_poly.pdbx_seq_one_letter_code
;MGSSHHHHHHSSGLVPRGSHMASMQTGGSFFDPFNGYNSGFWQKADGYSNGNMFNCTWRANNVSMTSLGEMRLALTSPAY
NKFDCGENRSVQTYGYGLYEVRMKPAKNTGIVSSFFTYTGPTDGTPWDEIDIEFLGKDTTKVQFNYYTNGAGNHEKIVDL
GFDAANAYHTYAFDWQPNSIKWYVDGQLKHTATNQIPTTPGKIMMNLWNGTGVDEWLGSYNGVNPLYAHYDWVRYTKK
;
_entity_poly.pdbx_strand_id   A
#
loop_
_chem_comp.id
_chem_comp.type
_chem_comp.name
_chem_comp.formula
B3P non-polymer 2-[3-(2-HYDROXY-1,1-DIHYDROXYMETHYL-ETHYLAMINO)-PROPYLAMINO]-2-HYDROXYMETHYL-PROPANE-1,3-DIOL 'C11 H26 N2 O6'
CA non-polymer 'CALCIUM ION' 'Ca 2'
#
# COMPACT_ATOMS: atom_id res chain seq x y z
N THR A 26 -13.68 0.95 15.76
CA THR A 26 -12.46 1.46 15.05
C THR A 26 -11.24 1.62 16.00
N GLY A 27 -10.08 1.97 15.47
CA GLY A 27 -8.88 2.17 16.31
C GLY A 27 -8.64 3.65 16.58
N GLY A 28 -7.86 4.00 17.60
CA GLY A 28 -7.52 5.40 17.86
C GLY A 28 -6.19 5.78 17.21
N SER A 29 -5.80 7.05 17.36
CA SER A 29 -4.57 7.59 16.81
C SER A 29 -3.39 6.76 17.27
N PHE A 30 -2.43 6.55 16.38
CA PHE A 30 -1.24 5.81 16.76
C PHE A 30 -0.08 6.24 15.83
N PHE A 31 1.12 5.87 16.26
CA PHE A 31 2.36 6.10 15.53
C PHE A 31 3.10 4.78 15.72
N ASP A 32 3.61 4.17 14.63
CA ASP A 32 4.47 3.04 14.76
C ASP A 32 5.78 3.40 14.02
N PRO A 33 6.92 3.42 14.78
CA PRO A 33 8.28 3.68 14.24
C PRO A 33 8.91 2.46 13.60
N PHE A 34 8.21 1.32 13.68
CA PHE A 34 8.72 0.08 13.07
C PHE A 34 10.11 -0.31 13.55
N ASN A 35 10.36 -0.04 14.81
CA ASN A 35 11.50 -0.65 15.50
C ASN A 35 11.40 -2.15 15.77
N GLY A 36 10.19 -2.68 15.73
CA GLY A 36 10.00 -4.12 15.94
C GLY A 36 8.63 -4.48 15.39
N TYR A 37 8.35 -5.78 15.25
CA TYR A 37 7.11 -6.20 14.62
C TYR A 37 6.06 -6.39 15.73
N ASN A 38 5.01 -5.62 15.74
CA ASN A 38 3.97 -5.78 16.79
C ASN A 38 2.83 -6.72 16.36
N SER A 39 2.81 -7.91 16.94
CA SER A 39 1.90 -8.94 16.40
C SER A 39 0.50 -8.79 17.01
N GLY A 40 0.36 -8.06 18.12
CA GLY A 40 -1.01 -7.77 18.60
C GLY A 40 -1.68 -6.69 17.72
N PHE A 41 -0.86 -5.85 17.08
CA PHE A 41 -1.32 -4.71 16.31
C PHE A 41 -1.37 -4.92 14.79
N TRP A 42 -0.51 -5.79 14.28
CA TRP A 42 -0.45 -6.05 12.82
C TRP A 42 -0.50 -7.53 12.62
N GLN A 43 -0.74 -7.95 11.39
CA GLN A 43 -0.72 -9.38 11.05
C GLN A 43 -0.20 -9.53 9.62
N LYS A 44 0.52 -10.61 9.37
CA LYS A 44 1.14 -10.83 8.02
C LYS A 44 0.25 -11.73 7.17
N ALA A 45 0.00 -11.39 5.91
CA ALA A 45 -0.73 -12.37 5.07
C ALA A 45 0.22 -13.55 4.91
N ASP A 46 -0.31 -14.75 4.92
CA ASP A 46 0.58 -15.88 4.68
C ASP A 46 -0.10 -17.08 4.07
N GLY A 47 0.46 -17.65 3.02
CA GLY A 47 0.11 -19.02 2.60
C GLY A 47 -0.93 -19.01 1.48
N TYR A 48 -1.16 -17.86 0.83
CA TYR A 48 -2.15 -17.89 -0.26
C TYR A 48 -1.87 -16.76 -1.21
N SER A 49 -2.43 -16.87 -2.41
CA SER A 49 -2.32 -15.87 -3.41
C SER A 49 -3.67 -15.19 -3.48
N ASN A 50 -3.69 -13.87 -3.64
CA ASN A 50 -4.92 -13.13 -4.00
C ASN A 50 -5.55 -13.62 -5.25
N GLY A 51 -4.78 -14.11 -6.22
CA GLY A 51 -5.41 -14.58 -7.44
C GLY A 51 -5.40 -13.41 -8.43
N ASN A 52 -6.09 -13.58 -9.54
CA ASN A 52 -6.18 -12.61 -10.66
C ASN A 52 -4.84 -11.98 -10.98
N MET A 53 -4.70 -10.68 -10.84
CA MET A 53 -3.47 -10.00 -11.27
C MET A 53 -2.26 -10.15 -10.28
N PHE A 54 -2.48 -10.68 -9.05
CA PHE A 54 -1.43 -10.73 -8.03
C PHE A 54 -0.65 -12.04 -8.23
N ASN A 55 0.39 -12.01 -9.07
CA ASN A 55 1.05 -13.29 -9.52
C ASN A 55 2.12 -13.77 -8.47
N CYS A 56 1.63 -13.95 -7.24
CA CYS A 56 2.46 -14.25 -6.09
C CYS A 56 1.65 -14.79 -4.93
N THR A 57 2.37 -15.41 -4.00
CA THR A 57 1.82 -16.05 -2.81
C THR A 57 2.40 -15.20 -1.65
N TRP A 58 1.53 -14.72 -0.77
CA TRP A 58 1.97 -13.97 0.37
C TRP A 58 2.67 -14.90 1.31
N ARG A 59 3.82 -14.45 1.84
CA ARG A 59 4.55 -15.25 2.79
C ARG A 59 4.90 -14.40 4.03
N ALA A 60 4.73 -14.97 5.22
CA ALA A 60 5.08 -14.23 6.46
C ALA A 60 6.56 -13.80 6.44
N ASN A 61 7.45 -14.67 5.92
CA ASN A 61 8.88 -14.43 5.83
C ASN A 61 9.21 -13.26 4.94
N ASN A 62 8.27 -12.86 4.10
CA ASN A 62 8.50 -11.72 3.23
C ASN A 62 8.13 -10.37 3.83
N VAL A 63 7.78 -10.40 5.11
CA VAL A 63 7.67 -9.15 5.86
C VAL A 63 8.70 -9.24 7.00
N SER A 64 9.59 -8.29 7.06
CA SER A 64 10.68 -8.37 8.03
C SER A 64 11.02 -6.97 8.53
N MET A 65 11.68 -6.91 9.66
CA MET A 65 12.04 -5.64 10.26
C MET A 65 13.54 -5.45 10.08
N THR A 66 13.99 -4.26 9.66
CA THR A 66 15.45 -4.01 9.46
C THR A 66 16.09 -3.54 10.75
N SER A 67 17.43 -3.62 10.86
CA SER A 67 18.05 -3.15 12.08
C SER A 67 18.10 -1.59 12.14
N LEU A 68 17.72 -0.93 11.03
CA LEU A 68 17.52 0.54 11.01
C LEU A 68 16.15 1.08 11.45
N GLY A 69 15.23 0.23 11.90
CA GLY A 69 13.93 0.72 12.32
C GLY A 69 12.96 0.84 11.16
N GLU A 70 12.97 -0.17 10.25
CA GLU A 70 12.08 -0.14 9.09
C GLU A 70 11.32 -1.46 8.97
N MET A 71 10.14 -1.41 8.37
CA MET A 71 9.52 -2.67 7.98
C MET A 71 9.90 -2.86 6.53
N ARG A 72 10.42 -4.02 6.18
CA ARG A 72 10.74 -4.27 4.77
C ARG A 72 9.82 -5.32 4.16
N LEU A 73 9.20 -5.07 3.00
CA LEU A 73 8.43 -6.10 2.22
C LEU A 73 9.31 -6.54 1.05
N ALA A 74 9.30 -7.85 0.80
CA ALA A 74 10.20 -8.49 -0.18
C ALA A 74 9.37 -9.18 -1.26
N LEU A 75 9.89 -9.16 -2.46
CA LEU A 75 9.39 -9.89 -3.59
C LEU A 75 10.58 -10.81 -3.86
N THR A 76 10.38 -12.13 -3.76
CA THR A 76 11.48 -13.08 -3.85
C THR A 76 10.92 -14.20 -4.76
N SER A 77 11.78 -15.12 -5.18
CA SER A 77 11.34 -16.24 -6.07
C SER A 77 11.85 -17.56 -5.55
N PRO A 78 11.01 -18.38 -4.91
CA PRO A 78 11.57 -19.66 -4.45
C PRO A 78 11.81 -20.72 -5.55
N ALA A 79 11.30 -20.53 -6.76
CA ALA A 79 11.46 -21.53 -7.82
C ALA A 79 11.11 -20.84 -9.11
N TYR A 80 11.44 -21.47 -10.23
CA TYR A 80 11.30 -20.87 -11.54
C TYR A 80 9.89 -20.34 -11.80
N ASN A 81 9.74 -19.05 -12.09
CA ASN A 81 8.38 -18.48 -12.33
C ASN A 81 7.36 -18.57 -11.17
N LYS A 82 7.87 -18.74 -9.96
CA LYS A 82 7.03 -18.56 -8.81
C LYS A 82 7.56 -17.42 -7.96
N PHE A 83 6.64 -16.57 -7.46
CA PHE A 83 7.01 -15.40 -6.68
C PHE A 83 6.33 -15.37 -5.29
N ASP A 84 7.15 -15.06 -4.26
CA ASP A 84 6.69 -14.87 -2.91
C ASP A 84 6.66 -13.35 -2.68
N CYS A 85 5.61 -12.85 -1.99
CA CYS A 85 5.50 -11.44 -1.66
C CYS A 85 5.04 -11.22 -0.25
N GLY A 86 5.06 -9.97 0.17
CA GLY A 86 4.73 -9.58 1.56
C GLY A 86 3.56 -8.61 1.60
N GLU A 87 2.62 -8.87 2.51
CA GLU A 87 1.50 -7.93 2.76
C GLU A 87 1.29 -7.93 4.28
N ASN A 88 1.17 -6.73 4.83
CA ASN A 88 1.00 -6.57 6.27
C ASN A 88 -0.25 -5.78 6.49
N ARG A 89 -1.04 -6.18 7.47
CA ARG A 89 -2.30 -5.43 7.72
C ARG A 89 -2.55 -5.16 9.17
N SER A 90 -3.26 -4.08 9.45
CA SER A 90 -3.63 -3.81 10.83
C SER A 90 -4.65 -4.81 11.29
N VAL A 91 -4.57 -5.14 12.57
CA VAL A 91 -5.61 -5.91 13.23
C VAL A 91 -6.88 -5.08 13.41
N GLN A 92 -6.73 -3.80 13.72
CA GLN A 92 -7.91 -2.97 13.99
C GLN A 92 -8.33 -2.30 12.69
N THR A 93 -9.51 -1.70 12.72
CA THR A 93 -10.02 -0.97 11.57
C THR A 93 -10.05 0.50 11.91
N TYR A 94 -9.88 1.34 10.89
CA TYR A 94 -9.69 2.75 11.10
C TYR A 94 -10.65 3.56 10.25
N GLY A 95 -11.15 4.65 10.82
CA GLY A 95 -12.14 5.48 10.15
C GLY A 95 -11.59 6.82 9.72
N TYR A 96 -12.43 7.84 9.77
CA TYR A 96 -12.02 9.16 9.26
C TYR A 96 -10.73 9.70 9.90
N GLY A 97 -9.87 10.34 9.09
CA GLY A 97 -8.70 11.08 9.60
C GLY A 97 -7.44 11.08 8.70
N LEU A 98 -6.28 11.41 9.26
CA LEU A 98 -5.07 11.59 8.44
C LEU A 98 -4.22 10.33 8.48
N TYR A 99 -4.02 9.66 7.33
CA TYR A 99 -3.11 8.52 7.29
C TYR A 99 -1.78 8.93 6.64
N GLU A 100 -0.64 8.72 7.30
CA GLU A 100 0.70 9.10 6.77
C GLU A 100 1.65 7.90 6.80
N VAL A 101 2.43 7.75 5.74
CA VAL A 101 3.39 6.64 5.66
C VAL A 101 4.73 7.25 5.20
N ARG A 102 5.84 6.91 5.85
CA ARG A 102 7.11 7.35 5.36
C ARG A 102 7.74 6.12 4.72
N MET A 103 7.93 6.17 3.42
CA MET A 103 8.26 4.90 2.73
C MET A 103 9.06 5.17 1.45
N LYS A 104 9.62 4.10 0.87
CA LYS A 104 10.17 4.16 -0.47
C LYS A 104 9.89 2.85 -1.15
N PRO A 105 9.29 2.93 -2.33
CA PRO A 105 8.77 1.77 -3.03
C PRO A 105 9.92 1.05 -3.77
N ALA A 106 9.64 -0.19 -4.19
CA ALA A 106 10.53 -0.95 -5.06
C ALA A 106 10.48 -0.37 -6.49
N LYS A 107 11.55 -0.59 -7.25
CA LYS A 107 11.70 0.02 -8.54
C LYS A 107 11.92 -1.12 -9.56
N ASN A 108 10.97 -1.35 -10.46
CA ASN A 108 11.08 -2.45 -11.46
C ASN A 108 9.81 -2.42 -12.29
N THR A 109 9.95 -2.72 -13.57
CA THR A 109 8.79 -2.97 -14.38
C THR A 109 7.83 -4.01 -13.76
N GLY A 110 6.54 -3.79 -13.91
CA GLY A 110 5.55 -4.84 -13.56
C GLY A 110 5.13 -5.10 -12.12
N ILE A 111 5.40 -4.15 -11.23
CA ILE A 111 5.19 -4.35 -9.82
C ILE A 111 4.46 -3.14 -9.24
N VAL A 112 3.96 -3.33 -8.02
CA VAL A 112 3.40 -2.24 -7.24
C VAL A 112 3.88 -2.32 -5.83
N SER A 113 4.12 -1.16 -5.20
CA SER A 113 4.30 -1.05 -3.75
C SER A 113 3.19 -0.16 -3.26
N SER A 114 2.57 -0.48 -2.13
CA SER A 114 1.37 0.28 -1.74
C SER A 114 1.22 0.63 -0.26
N PHE A 115 0.28 1.50 0.02
CA PHE A 115 -0.12 1.84 1.38
C PHE A 115 -1.58 2.19 1.21
N PHE A 116 -2.46 1.48 1.88
CA PHE A 116 -3.87 1.68 1.60
C PHE A 116 -4.75 1.27 2.75
N THR A 117 -6.01 1.72 2.69
CA THR A 117 -7.07 1.20 3.56
C THR A 117 -7.97 0.25 2.79
N TYR A 118 -8.56 -0.74 3.49
CA TYR A 118 -9.31 -1.74 2.81
C TYR A 118 -10.23 -2.52 3.74
N THR A 119 -11.49 -2.61 3.33
CA THR A 119 -12.49 -3.55 3.84
C THR A 119 -13.29 -4.00 2.61
N GLY A 120 -13.94 -5.17 2.66
CA GLY A 120 -14.79 -5.58 1.53
C GLY A 120 -15.68 -6.79 1.79
N PRO A 121 -16.07 -7.52 0.73
CA PRO A 121 -17.04 -8.62 0.96
C PRO A 121 -16.53 -9.66 1.98
N THR A 122 -15.28 -10.09 1.85
CA THR A 122 -14.65 -10.99 2.87
C THR A 122 -14.83 -10.52 4.34
N ASP A 123 -15.00 -9.22 4.57
CA ASP A 123 -15.22 -8.69 5.92
C ASP A 123 -16.72 -8.43 6.27
N GLY A 124 -17.66 -8.93 5.48
CA GLY A 124 -19.08 -8.62 5.71
C GLY A 124 -19.51 -7.18 5.40
N THR A 125 -18.63 -6.38 4.77
CA THR A 125 -18.93 -4.98 4.40
C THR A 125 -18.90 -4.74 2.88
N PRO A 126 -19.30 -3.51 2.43
CA PRO A 126 -18.95 -3.04 1.07
C PRO A 126 -17.45 -2.87 0.83
N TRP A 127 -17.04 -3.07 -0.42
CA TRP A 127 -15.68 -2.77 -0.89
C TRP A 127 -15.42 -1.26 -0.85
N ASP A 128 -14.85 -0.80 0.27
CA ASP A 128 -14.34 0.57 0.44
C ASP A 128 -12.84 0.57 0.63
N GLU A 129 -12.12 1.31 -0.22
CA GLU A 129 -10.62 1.31 -0.17
C GLU A 129 -10.08 2.67 -0.59
N ILE A 130 -8.94 3.09 0.00
CA ILE A 130 -8.22 4.33 -0.36
C ILE A 130 -6.73 4.00 -0.55
N ASP A 131 -6.19 4.34 -1.72
CA ASP A 131 -4.86 3.87 -2.20
C ASP A 131 -3.80 4.94 -2.39
N ILE A 132 -2.59 4.60 -1.98
CA ILE A 132 -1.41 5.23 -2.54
C ILE A 132 -0.63 4.07 -3.11
N GLU A 133 -0.37 4.13 -4.41
CA GLU A 133 0.30 3.01 -5.06
C GLU A 133 1.49 3.54 -5.88
N PHE A 134 2.64 2.85 -5.82
CA PHE A 134 3.77 3.22 -6.62
C PHE A 134 3.96 2.15 -7.67
N LEU A 135 3.69 2.52 -8.90
CA LEU A 135 3.90 1.61 -10.01
C LEU A 135 5.44 1.54 -10.23
N GLY A 136 6.06 0.39 -9.90
CA GLY A 136 7.48 0.15 -10.12
C GLY A 136 8.04 0.50 -11.51
N LYS A 137 7.22 0.52 -12.55
CA LYS A 137 7.74 0.84 -13.88
C LYS A 137 8.18 2.30 -13.93
N ASP A 138 7.67 3.14 -13.03
CA ASP A 138 8.09 4.56 -13.00
C ASP A 138 7.88 5.14 -11.60
N THR A 139 8.93 5.10 -10.78
CA THR A 139 8.86 5.53 -9.41
C THR A 139 9.09 7.06 -9.26
N THR A 140 9.02 7.79 -10.37
CA THR A 140 8.96 9.26 -10.31
C THR A 140 7.50 9.79 -10.34
N LYS A 141 6.54 8.88 -10.27
CA LYS A 141 5.08 9.21 -10.23
C LYS A 141 4.42 8.47 -9.10
N VAL A 142 3.34 8.99 -8.53
CA VAL A 142 2.60 8.19 -7.57
C VAL A 142 1.15 8.08 -8.09
N GLN A 143 0.48 6.96 -7.81
CA GLN A 143 -0.92 6.90 -8.21
C GLN A 143 -1.85 6.91 -6.99
N PHE A 144 -2.86 7.75 -7.05
CA PHE A 144 -3.95 7.78 -6.08
C PHE A 144 -5.19 7.13 -6.66
N ASN A 145 -6.04 6.63 -5.78
CA ASN A 145 -7.24 5.98 -6.22
C ASN A 145 -8.08 5.66 -4.96
N TYR A 146 -9.31 5.26 -5.20
CA TYR A 146 -10.16 4.74 -4.16
C TYR A 146 -11.38 4.07 -4.76
N TYR A 147 -11.95 3.21 -3.94
CA TYR A 147 -13.14 2.46 -4.31
C TYR A 147 -14.14 2.71 -3.23
N THR A 148 -15.39 2.92 -3.67
CA THR A 148 -16.55 3.12 -2.83
C THR A 148 -17.66 2.16 -3.28
N ASN A 149 -18.04 1.26 -2.38
CA ASN A 149 -18.93 0.14 -2.67
C ASN A 149 -18.57 -0.64 -3.94
N GLY A 150 -17.27 -0.86 -4.14
CA GLY A 150 -16.73 -1.60 -5.27
C GLY A 150 -16.58 -0.82 -6.57
N ALA A 151 -16.94 0.46 -6.56
CA ALA A 151 -16.86 1.30 -7.73
C ALA A 151 -15.57 2.09 -7.63
N GLY A 152 -14.74 1.98 -8.64
CA GLY A 152 -13.38 2.49 -8.53
C GLY A 152 -13.18 3.42 -9.69
N ASN A 153 -12.09 3.25 -10.43
CA ASN A 153 -11.74 4.17 -11.55
C ASN A 153 -11.59 5.61 -11.13
N HIS A 154 -10.95 5.85 -9.99
CA HIS A 154 -10.62 7.20 -9.59
C HIS A 154 -9.13 7.50 -9.75
N GLU A 155 -8.48 6.75 -10.64
CA GLU A 155 -6.99 6.83 -10.79
C GLU A 155 -6.55 8.23 -11.07
N LYS A 156 -5.59 8.70 -10.28
CA LYS A 156 -4.99 9.98 -10.56
C LYS A 156 -3.48 9.76 -10.42
N ILE A 157 -2.76 10.06 -11.49
CA ILE A 157 -1.32 9.90 -11.46
C ILE A 157 -0.62 11.25 -11.32
N VAL A 158 0.26 11.35 -10.35
CA VAL A 158 0.91 12.64 -10.03
C VAL A 158 2.45 12.53 -10.15
N ASP A 159 3.09 13.47 -10.89
CA ASP A 159 4.58 13.58 -10.98
C ASP A 159 5.12 14.00 -9.64
N LEU A 160 6.13 13.35 -9.12
CA LEU A 160 6.66 13.66 -7.79
C LEU A 160 7.72 14.74 -7.85
N GLY A 161 8.41 14.85 -8.99
CA GLY A 161 9.60 15.72 -9.03
C GLY A 161 10.88 15.12 -8.42
N PHE A 162 10.86 13.86 -8.05
CA PHE A 162 12.02 13.12 -7.57
C PHE A 162 11.70 11.66 -7.82
N ASP A 163 12.61 10.77 -7.48
CA ASP A 163 12.40 9.35 -7.72
C ASP A 163 12.11 8.76 -6.38
N ALA A 164 10.88 8.29 -6.16
CA ALA A 164 10.47 7.80 -4.86
C ALA A 164 11.36 6.68 -4.32
N ALA A 165 11.92 5.88 -5.23
CA ALA A 165 12.71 4.72 -4.83
C ALA A 165 14.00 5.13 -4.13
N ASN A 166 14.42 6.39 -4.32
CA ASN A 166 15.70 6.87 -3.83
C ASN A 166 15.86 7.18 -2.37
N ALA A 167 14.80 7.67 -1.75
CA ALA A 167 14.94 8.16 -0.37
C ALA A 167 13.54 8.16 0.18
N TYR A 168 13.48 8.21 1.51
CA TYR A 168 12.21 8.25 2.17
C TYR A 168 11.47 9.53 1.85
N HIS A 169 10.16 9.39 1.63
CA HIS A 169 9.27 10.58 1.60
C HIS A 169 7.95 10.27 2.40
N THR A 170 7.21 11.33 2.74
CA THR A 170 6.01 11.17 3.51
C THR A 170 4.85 11.35 2.55
N TYR A 171 3.97 10.38 2.56
CA TYR A 171 2.82 10.31 1.68
C TYR A 171 1.60 10.15 2.60
N ALA A 172 0.45 10.75 2.25
CA ALA A 172 -0.64 10.82 3.19
C ALA A 172 -1.99 11.01 2.53
N PHE A 173 -3.05 10.54 3.19
CA PHE A 173 -4.36 10.94 2.76
C PHE A 173 -5.24 11.31 3.93
N ASP A 174 -6.02 12.35 3.75
CA ASP A 174 -6.92 12.80 4.81
C ASP A 174 -8.27 12.40 4.36
N TRP A 175 -8.79 11.39 5.04
CA TRP A 175 -10.08 10.84 4.66
C TRP A 175 -11.14 11.50 5.57
N GLN A 176 -11.94 12.38 4.97
CA GLN A 176 -13.10 13.02 5.58
C GLN A 176 -14.44 12.47 5.04
N PRO A 177 -15.59 12.81 5.68
CA PRO A 177 -16.90 12.38 5.20
C PRO A 177 -17.22 12.81 3.77
N ASN A 178 -16.95 14.08 3.45
CA ASN A 178 -17.18 14.54 2.09
C ASN A 178 -16.00 14.77 1.17
N SER A 179 -14.79 14.38 1.59
CA SER A 179 -13.59 14.49 0.71
C SER A 179 -12.36 13.69 1.16
N ILE A 180 -11.55 13.25 0.19
CA ILE A 180 -10.18 12.71 0.46
C ILE A 180 -9.09 13.68 -0.08
N LYS A 181 -8.12 14.06 0.75
CA LYS A 181 -7.00 14.92 0.29
C LYS A 181 -5.64 14.21 0.42
N TRP A 182 -4.85 14.18 -0.67
CA TRP A 182 -3.57 13.43 -0.66
C TRP A 182 -2.37 14.35 -0.70
N TYR A 183 -1.35 13.99 0.07
CA TYR A 183 -0.21 14.85 0.28
C TYR A 183 1.05 14.10 -0.06
N VAL A 184 2.04 14.85 -0.52
CA VAL A 184 3.43 14.40 -0.69
C VAL A 184 4.32 15.36 0.05
N ASP A 185 5.01 14.85 1.06
CA ASP A 185 5.87 15.65 1.95
C ASP A 185 5.15 16.87 2.50
N GLY A 186 3.92 16.68 2.94
CA GLY A 186 3.19 17.80 3.55
C GLY A 186 2.56 18.73 2.50
N GLN A 187 2.84 18.50 1.21
CA GLN A 187 2.19 19.34 0.17
C GLN A 187 0.97 18.69 -0.46
N LEU A 188 -0.15 19.41 -0.55
CA LEU A 188 -1.40 18.91 -1.19
C LEU A 188 -1.21 18.62 -2.67
N LYS A 189 -1.56 17.41 -3.12
CA LYS A 189 -1.37 17.00 -4.52
C LYS A 189 -2.65 16.69 -5.27
N HIS A 190 -3.70 16.32 -4.53
CA HIS A 190 -4.93 15.79 -5.15
C HIS A 190 -6.07 15.81 -4.15
N THR A 191 -7.26 16.12 -4.67
CA THR A 191 -8.45 16.17 -3.85
C THR A 191 -9.60 15.43 -4.56
N ALA A 192 -10.26 14.48 -3.88
CA ALA A 192 -11.49 13.90 -4.43
C ALA A 192 -12.74 14.18 -3.54
N THR A 193 -13.89 14.41 -4.20
CA THR A 193 -15.09 14.85 -3.53
C THR A 193 -16.32 14.02 -3.87
N ASN A 194 -16.20 13.13 -4.86
CA ASN A 194 -17.35 12.40 -5.40
C ASN A 194 -17.36 10.93 -4.93
N GLN A 195 -18.52 10.42 -4.51
CA GLN A 195 -18.64 9.00 -4.11
C GLN A 195 -17.48 8.57 -3.20
N ILE A 196 -17.44 9.19 -2.03
CA ILE A 196 -16.38 9.02 -1.08
C ILE A 196 -16.65 7.77 -0.23
N PRO A 197 -15.60 7.01 0.15
CA PRO A 197 -15.83 5.82 0.98
C PRO A 197 -16.39 6.16 2.36
N THR A 198 -17.17 5.25 2.93
CA THR A 198 -17.82 5.45 4.22
C THR A 198 -17.55 4.38 5.30
N THR A 199 -16.97 3.22 4.95
CA THR A 199 -16.81 2.08 5.90
C THR A 199 -15.36 2.00 6.39
N PRO A 200 -15.13 2.05 7.74
CA PRO A 200 -13.75 1.90 8.21
C PRO A 200 -13.07 0.66 7.64
N GLY A 201 -11.75 0.70 7.49
CA GLY A 201 -11.01 -0.39 6.83
C GLY A 201 -9.72 -0.68 7.58
N LYS A 202 -8.99 -1.70 7.16
CA LYS A 202 -7.74 -2.01 7.82
C LYS A 202 -6.68 -1.25 7.05
N ILE A 203 -5.63 -0.83 7.76
CA ILE A 203 -4.46 -0.23 7.16
C ILE A 203 -3.52 -1.35 6.65
N MET A 204 -3.12 -1.25 5.38
CA MET A 204 -2.39 -2.32 4.69
C MET A 204 -1.22 -1.78 3.87
N MET A 205 -0.20 -2.62 3.66
CA MET A 205 0.89 -2.30 2.76
C MET A 205 1.28 -3.62 2.09
N ASN A 206 1.55 -3.60 0.78
CA ASN A 206 2.01 -4.81 0.14
C ASN A 206 2.95 -4.47 -1.03
N LEU A 207 3.60 -5.47 -1.61
CA LEU A 207 4.46 -5.26 -2.72
C LEU A 207 4.19 -6.50 -3.54
N TRP A 208 3.93 -6.37 -4.84
CA TRP A 208 3.61 -7.54 -5.62
C TRP A 208 3.86 -7.29 -7.11
N ASN A 209 4.10 -8.39 -7.83
CA ASN A 209 4.24 -8.47 -9.27
C ASN A 209 2.89 -8.87 -9.92
N GLY A 210 2.52 -8.20 -11.02
CA GLY A 210 1.22 -8.41 -11.68
C GLY A 210 1.37 -9.39 -12.86
N THR A 211 0.28 -10.06 -13.26
CA THR A 211 0.10 -10.58 -14.62
C THR A 211 -1.26 -10.11 -15.12
N GLY A 212 -1.47 -10.22 -16.42
CA GLY A 212 -2.72 -9.76 -16.99
C GLY A 212 -2.98 -8.25 -16.91
N VAL A 213 -2.00 -7.47 -16.45
CA VAL A 213 -2.17 -5.97 -16.35
C VAL A 213 -0.95 -5.22 -16.89
N ASP A 214 -0.46 -5.71 -18.01
CA ASP A 214 0.73 -5.15 -18.64
C ASP A 214 0.58 -3.68 -19.01
N GLU A 215 -0.59 -3.29 -19.54
CA GLU A 215 -0.81 -1.91 -19.92
C GLU A 215 -0.70 -1.01 -18.69
N TRP A 216 -1.20 -1.43 -17.53
CA TRP A 216 -1.13 -0.61 -16.37
C TRP A 216 0.28 -0.64 -15.76
N LEU A 217 0.83 -1.82 -15.47
CA LEU A 217 2.10 -1.93 -14.71
C LEU A 217 3.36 -2.14 -15.51
N GLY A 218 3.19 -2.34 -16.82
CA GLY A 218 4.28 -2.93 -17.60
C GLY A 218 4.31 -4.42 -17.26
N SER A 219 4.89 -5.24 -18.13
CA SER A 219 5.07 -6.65 -17.75
C SER A 219 6.18 -6.79 -16.70
N TYR A 220 6.05 -7.80 -15.86
CA TYR A 220 7.07 -8.13 -14.87
C TYR A 220 8.08 -9.06 -15.55
N ASN A 221 9.36 -8.83 -15.28
CA ASN A 221 10.45 -9.53 -15.97
C ASN A 221 11.17 -10.52 -15.04
N GLY A 222 10.55 -10.90 -13.92
CA GLY A 222 11.15 -11.91 -13.01
C GLY A 222 12.34 -11.51 -12.14
N VAL A 223 12.80 -10.28 -12.28
CA VAL A 223 13.94 -9.82 -11.52
C VAL A 223 13.67 -9.79 -10.03
N ASN A 224 14.58 -10.35 -9.26
CA ASN A 224 14.35 -10.43 -7.83
C ASN A 224 15.69 -10.71 -7.17
N PRO A 225 15.81 -10.42 -5.85
CA PRO A 225 14.78 -9.85 -4.94
C PRO A 225 14.52 -8.34 -5.06
N LEU A 226 13.33 -7.87 -4.70
CA LEU A 226 13.06 -6.45 -4.71
C LEU A 226 12.35 -6.09 -3.40
N TYR A 227 12.53 -4.85 -2.94
CA TYR A 227 12.11 -4.48 -1.62
C TYR A 227 11.45 -3.11 -1.59
N ALA A 228 10.45 -2.98 -0.73
CA ALA A 228 9.86 -1.70 -0.43
C ALA A 228 10.05 -1.52 1.06
N HIS A 229 10.34 -0.29 1.52
CA HIS A 229 10.72 -0.07 2.92
C HIS A 229 9.81 0.99 3.49
N TYR A 230 9.41 0.77 4.74
CA TYR A 230 8.49 1.62 5.42
C TYR A 230 9.19 2.06 6.70
N ASP A 231 9.42 3.37 6.83
CA ASP A 231 10.13 3.89 8.01
C ASP A 231 9.17 3.92 9.22
N TRP A 232 7.94 4.39 8.95
CA TRP A 232 6.91 4.61 9.97
C TRP A 232 5.55 4.84 9.31
N VAL A 233 4.51 4.63 10.14
CA VAL A 233 3.12 4.82 9.77
C VAL A 233 2.46 5.70 10.85
N ARG A 234 1.66 6.67 10.46
CA ARG A 234 0.88 7.43 11.52
C ARG A 234 -0.58 7.51 11.09
N TYR A 235 -1.48 7.36 12.07
CA TYR A 235 -2.90 7.75 11.87
C TYR A 235 -3.36 8.70 12.93
N THR A 236 -4.08 9.73 12.51
CA THR A 236 -4.64 10.71 13.41
C THR A 236 -6.15 10.79 13.20
N LYS A 237 -6.93 10.38 14.19
CA LYS A 237 -8.37 10.42 14.09
C LYS A 237 -8.92 11.83 13.85
N LYS A 238 -9.71 11.93 12.78
CA LYS A 238 -10.36 13.11 12.15
C LYS A 238 -10.21 14.48 12.80
CA CA B . 11.62 4.04 11.75
C1 B3P C . -6.76 -1.88 -10.49
C2 B3P C . -6.37 -2.86 -9.39
C3 B3P C . -6.53 -2.55 -11.84
N1 B3P C . -7.13 -1.82 -12.94
C4 B3P C . -6.62 -1.87 -14.32
C5 B3P C . -7.65 -1.32 -15.30
C6 B3P C . -6.32 -3.32 -14.75
C7 B3P C . -5.38 -0.98 -14.40
N2 B3P C . -6.71 -2.38 -8.07
C8 B3P C . -6.41 -3.00 -6.77
C9 B3P C . -7.40 -4.16 -6.48
C10 B3P C . -6.40 -1.99 -5.60
C11 B3P C . -4.97 -3.50 -6.78
O1 B3P C . -8.55 -4.03 -7.32
O2 B3P C . -5.90 -2.63 -4.37
O3 B3P C . -4.14 -2.35 -7.00
O4 B3P C . -8.43 -0.35 -14.62
O5 B3P C . -7.33 -4.21 -14.19
O6 B3P C . -5.44 0.07 -13.43
#